data_3FIQ
#
_entry.id   3FIQ
#
_cell.length_a   42.010
_cell.length_b   62.070
_cell.length_c   109.230
_cell.angle_alpha   90.000
_cell.angle_beta   90.000
_cell.angle_gamma   90.000
#
_symmetry.space_group_name_H-M   'P 21 21 21'
#
loop_
_entity.id
_entity.type
_entity.pdbx_description
1 polymer 'Odorant-binding protein 1F'
2 non-polymer 1,2-ETHANEDIOL
3 water water
#
_entity_poly.entity_id   1
_entity_poly.type   'polypeptide(L)'
_entity_poly.pdbx_seq_one_letter_code
;HHENLDISPSEVNGDWRTLYIVADNVEKVAEGGSLRAYFQHMECGDECQELKIIFNVKLDSECQTHTVVGQKHEDGRYTT
DYSGRNYFHVLKKTDDIIFFHNVNVDESGKETNVILVAGKREDLNKAQKQELRKLAEEYNIPNENTQHLVPTDTCNQ
;
_entity_poly.pdbx_strand_id   A,B
#
# COMPACT_ATOMS: atom_id res chain seq x y z
N ASN A 4 14.34 13.54 -4.61
CA ASN A 4 15.11 12.48 -5.26
C ASN A 4 16.37 12.99 -6.00
N LEU A 5 16.94 12.11 -6.83
CA LEU A 5 18.22 12.34 -7.46
C LEU A 5 18.09 12.57 -8.95
N ASP A 6 18.66 13.64 -9.47
CA ASP A 6 18.55 13.90 -10.90
C ASP A 6 19.53 12.99 -11.65
N ILE A 7 19.26 12.73 -12.92
CA ILE A 7 20.23 12.06 -13.78
C ILE A 7 20.49 12.88 -15.04
N SER A 8 21.72 12.75 -15.52
CA SER A 8 22.15 13.48 -16.69
C SER A 8 22.34 12.54 -17.83
N PRO A 9 22.32 13.08 -19.03
CA PRO A 9 22.62 12.20 -20.14
C PRO A 9 23.93 11.44 -20.04
N SER A 10 24.98 12.14 -19.62
CA SER A 10 26.28 11.48 -19.48
C SER A 10 26.19 10.33 -18.50
N GLU A 11 25.41 10.47 -17.44
CA GLU A 11 25.25 9.40 -16.45
C GLU A 11 24.50 8.19 -17.01
N VAL A 12 23.45 8.48 -17.74
CA VAL A 12 22.58 7.36 -18.13
C VAL A 12 22.74 6.77 -19.52
N ASN A 13 23.28 7.49 -20.51
CA ASN A 13 23.21 7.06 -21.85
C ASN A 13 24.09 5.84 -22.08
N GLY A 14 23.53 4.76 -22.58
CA GLY A 14 24.30 3.57 -22.83
C GLY A 14 23.52 2.31 -22.50
N ASP A 15 24.20 1.17 -22.52
CA ASP A 15 23.55 -0.09 -22.22
C ASP A 15 23.44 -0.28 -20.72
N TRP A 16 22.32 -0.92 -20.32
CA TRP A 16 22.02 -1.23 -18.93
C TRP A 16 21.33 -2.55 -18.94
N ARG A 17 21.39 -3.25 -17.82
CA ARG A 17 20.67 -4.48 -17.63
C ARG A 17 19.97 -4.44 -16.31
N THR A 18 18.98 -5.31 -16.16
CA THR A 18 18.27 -5.41 -14.89
C THR A 18 18.87 -6.50 -14.07
N LEU A 19 19.25 -6.14 -12.84
CA LEU A 19 19.78 -7.11 -11.89
C LEU A 19 18.74 -7.71 -10.97
N TYR A 20 17.89 -6.85 -10.35
CA TYR A 20 16.89 -7.31 -9.44
C TYR A 20 15.65 -6.47 -9.64
N ILE A 21 14.48 -7.08 -9.39
CA ILE A 21 13.25 -6.30 -9.27
C ILE A 21 12.52 -6.78 -8.04
N VAL A 22 11.98 -5.88 -7.21
CA VAL A 22 11.15 -6.32 -6.11
C VAL A 22 9.86 -5.52 -6.14
N ALA A 23 8.71 -6.12 -5.85
CA ALA A 23 7.44 -5.41 -5.99
C ALA A 23 6.45 -5.96 -4.95
N ASP A 24 5.43 -5.19 -4.58
CA ASP A 24 4.46 -5.69 -3.63
C ASP A 24 3.38 -6.55 -4.20
N ASN A 25 3.24 -6.64 -5.52
CA ASN A 25 2.36 -7.57 -6.22
C ASN A 25 3.30 -8.49 -7.03
N VAL A 26 3.60 -9.68 -6.52
CA VAL A 26 4.70 -10.45 -7.10
C VAL A 26 4.42 -10.92 -8.51
N GLU A 27 3.14 -11.18 -8.84
CA GLU A 27 2.81 -11.63 -10.16
C GLU A 27 3.27 -10.63 -11.20
N LYS A 28 3.42 -9.35 -10.83
CA LYS A 28 3.79 -8.35 -11.81
C LYS A 28 5.24 -8.48 -12.19
N VAL A 29 6.09 -9.08 -11.34
CA VAL A 29 7.51 -9.13 -11.60
C VAL A 29 8.13 -10.49 -11.71
N ALA A 30 7.38 -11.52 -11.33
CA ALA A 30 7.75 -12.94 -11.55
C ALA A 30 7.70 -13.25 -13.03
N GLU A 31 8.13 -14.45 -13.35
CA GLU A 31 8.06 -14.90 -14.73
C GLU A 31 6.72 -14.53 -15.34
N GLY A 32 6.76 -14.04 -16.58
CA GLY A 32 5.59 -13.65 -17.35
C GLY A 32 4.85 -12.48 -16.83
N GLY A 33 5.42 -11.80 -15.87
CA GLY A 33 4.86 -10.57 -15.38
C GLY A 33 4.99 -9.38 -16.29
N SER A 34 4.00 -8.46 -16.23
CA SER A 34 4.04 -7.32 -17.13
C SER A 34 5.18 -6.36 -16.87
N LEU A 35 5.61 -6.36 -15.60
CA LEU A 35 6.69 -5.47 -15.19
C LEU A 35 8.06 -6.16 -15.05
N ARG A 36 8.18 -7.37 -15.53
CA ARG A 36 9.49 -8.08 -15.44
C ARG A 36 10.32 -7.64 -16.63
N ALA A 37 10.92 -6.46 -16.47
CA ALA A 37 11.61 -5.80 -17.57
C ALA A 37 13.08 -6.03 -17.48
N TYR A 38 13.63 -6.60 -18.55
CA TYR A 38 15.09 -6.86 -18.67
C TYR A 38 15.65 -5.67 -19.47
N PHE A 39 16.22 -4.69 -18.75
CA PHE A 39 16.71 -3.48 -19.44
C PHE A 39 17.72 -3.87 -20.48
N GLN A 40 17.76 -3.05 -21.52
CA GLN A 40 18.82 -3.09 -22.52
C GLN A 40 19.57 -1.78 -22.66
N HIS A 41 18.86 -0.64 -22.68
CA HIS A 41 19.49 0.63 -23.02
C HIS A 41 18.69 1.77 -22.51
N MET A 42 19.38 2.87 -22.17
CA MET A 42 18.73 4.14 -21.82
C MET A 42 19.35 5.25 -22.57
N GLU A 43 18.50 6.25 -22.93
CA GLU A 43 19.03 7.40 -23.61
C GLU A 43 18.21 8.63 -23.31
N CYS A 44 18.82 9.73 -22.89
N CYS A 44 18.84 9.74 -22.95
CA CYS A 44 18.10 10.98 -22.85
CA CYS A 44 18.10 10.99 -22.91
C CYS A 44 18.94 12.11 -23.41
C CYS A 44 18.94 12.12 -23.44
N GLY A 45 18.30 13.28 -23.57
CA GLY A 45 18.95 14.45 -24.12
C GLY A 45 18.98 15.55 -23.11
N ASP A 46 19.16 16.77 -23.59
CA ASP A 46 19.14 17.94 -22.76
C ASP A 46 18.28 17.75 -21.50
N GLU A 47 18.98 17.89 -20.36
CA GLU A 47 18.37 17.90 -19.05
C GLU A 47 17.72 16.56 -18.72
N CYS A 48 17.87 15.56 -19.58
N CYS A 48 17.86 15.57 -19.59
CA CYS A 48 17.18 14.27 -19.43
CA CYS A 48 17.18 14.27 -19.41
C CYS A 48 15.66 14.43 -19.28
C CYS A 48 15.66 14.43 -19.28
N GLN A 49 15.10 15.34 -20.06
CA GLN A 49 13.65 15.60 -20.03
C GLN A 49 12.90 14.38 -20.62
N GLU A 50 13.50 13.77 -21.61
CA GLU A 50 12.86 12.72 -22.37
C GLU A 50 13.75 11.51 -22.28
N LEU A 51 13.35 10.49 -21.51
CA LEU A 51 14.20 9.31 -21.23
C LEU A 51 13.66 8.11 -21.93
N LYS A 52 14.39 7.66 -22.95
CA LYS A 52 13.99 6.47 -23.68
C LYS A 52 14.62 5.24 -23.07
N ILE A 53 13.80 4.28 -22.68
CA ILE A 53 14.31 3.05 -22.10
C ILE A 53 13.88 1.91 -23.01
N ILE A 54 14.85 1.12 -23.47
CA ILE A 54 14.57 -0.08 -24.28
C ILE A 54 14.77 -1.25 -23.33
N PHE A 55 13.81 -2.16 -23.31
CA PHE A 55 13.87 -3.35 -22.45
C PHE A 55 13.19 -4.52 -23.13
N ASN A 56 13.51 -5.70 -22.70
CA ASN A 56 12.82 -6.90 -23.17
C ASN A 56 11.96 -7.47 -22.08
N VAL A 57 10.91 -8.18 -22.50
CA VAL A 57 10.19 -9.10 -21.62
C VAL A 57 10.29 -10.41 -22.33
N LYS A 58 10.28 -11.50 -21.59
CA LYS A 58 10.32 -12.78 -22.20
C LYS A 58 8.89 -13.22 -22.39
N LEU A 59 8.59 -13.66 -23.63
CA LEU A 59 7.23 -14.10 -23.94
C LEU A 59 7.41 -15.39 -24.71
N ASP A 60 6.84 -16.46 -24.19
CA ASP A 60 7.28 -17.81 -24.50
C ASP A 60 8.82 -17.89 -24.33
N SER A 61 9.52 -18.39 -25.29
CA SER A 61 10.93 -18.46 -25.07
C SER A 61 11.65 -17.29 -25.65
N GLU A 62 10.91 -16.30 -26.17
CA GLU A 62 11.53 -15.31 -27.04
C GLU A 62 11.67 -13.98 -26.31
N CYS A 63 12.44 -13.07 -26.92
CA CYS A 63 12.58 -11.76 -26.44
C CYS A 63 11.61 -10.84 -27.17
N GLN A 64 10.77 -10.17 -26.39
CA GLN A 64 9.85 -9.18 -26.94
C GLN A 64 10.33 -7.84 -26.51
N THR A 65 10.83 -7.04 -27.47
CA THR A 65 11.48 -5.78 -27.15
C THR A 65 10.45 -4.65 -27.09
N HIS A 66 10.57 -3.84 -26.07
CA HIS A 66 9.73 -2.68 -25.83
C HIS A 66 10.54 -1.42 -25.67
N THR A 67 9.92 -0.28 -25.99
CA THR A 67 10.52 0.99 -25.70
C THR A 67 9.46 1.80 -24.97
N VAL A 68 9.87 2.49 -23.91
CA VAL A 68 9.01 3.49 -23.24
C VAL A 68 9.76 4.80 -23.28
N VAL A 69 9.04 5.91 -23.34
CA VAL A 69 9.61 7.23 -23.19
C VAL A 69 9.07 7.84 -21.93
N GLY A 70 9.94 8.03 -20.94
CA GLY A 70 9.55 8.77 -19.74
C GLY A 70 9.73 10.26 -19.96
N GLN A 71 8.72 10.99 -19.53
CA GLN A 71 8.72 12.48 -19.47
C GLN A 71 8.96 12.93 -18.09
N LYS A 72 10.04 13.71 -17.91
CA LYS A 72 10.40 14.26 -16.60
C LYS A 72 9.45 15.41 -16.20
N HIS A 73 9.13 15.50 -14.92
CA HIS A 73 8.36 16.59 -14.36
C HIS A 73 9.08 17.29 -13.21
N GLU A 74 8.52 18.40 -12.74
CA GLU A 74 9.25 19.20 -11.77
C GLU A 74 9.54 18.40 -10.47
N ASP A 75 8.68 17.49 -10.06
CA ASP A 75 8.85 16.74 -8.85
C ASP A 75 9.87 15.63 -8.94
N GLY A 76 10.47 15.55 -10.11
CA GLY A 76 11.53 14.56 -10.29
C GLY A 76 11.05 13.26 -10.85
N ARG A 77 9.74 13.01 -10.88
CA ARG A 77 9.21 11.80 -11.41
C ARG A 77 9.22 11.87 -12.95
N TYR A 78 9.44 10.72 -13.55
CA TYR A 78 9.10 10.52 -14.97
C TYR A 78 7.76 9.77 -15.05
N THR A 79 6.94 10.12 -16.03
CA THR A 79 5.75 9.35 -16.34
C THR A 79 5.92 8.64 -17.70
N THR A 80 5.30 7.49 -17.76
CA THR A 80 5.12 6.78 -19.03
C THR A 80 3.98 5.79 -18.90
N ASP A 81 3.35 5.59 -20.03
CA ASP A 81 2.40 4.49 -20.22
C ASP A 81 3.14 3.22 -20.54
N TYR A 82 2.71 2.15 -19.90
CA TYR A 82 3.18 0.80 -20.12
C TYR A 82 2.46 -0.02 -19.11
N SER A 83 1.66 -0.95 -19.60
CA SER A 83 0.82 -1.76 -18.74
C SER A 83 0.15 -0.88 -17.71
N GLY A 84 -0.53 0.17 -18.21
CA GLY A 84 -1.10 1.17 -17.36
C GLY A 84 -0.22 2.38 -17.29
N ARG A 85 -0.26 3.07 -16.16
CA ARG A 85 0.44 4.35 -16.01
C ARG A 85 1.60 4.14 -15.01
N ASN A 86 2.78 4.73 -15.28
CA ASN A 86 3.94 4.58 -14.42
C ASN A 86 4.45 5.96 -14.02
N TYR A 87 4.90 6.00 -12.80
CA TYR A 87 5.52 7.12 -12.17
C TYR A 87 6.86 6.62 -11.53
N PHE A 88 7.98 6.99 -12.14
CA PHE A 88 9.24 6.48 -11.67
C PHE A 88 10.28 7.52 -11.37
N HIS A 89 11.18 7.22 -10.45
CA HIS A 89 12.24 8.16 -10.10
C HIS A 89 13.45 7.42 -9.56
N VAL A 90 14.56 8.13 -9.37
CA VAL A 90 15.81 7.51 -8.96
C VAL A 90 15.97 7.56 -7.44
N LEU A 91 16.14 6.44 -6.81
CA LEU A 91 16.33 6.40 -5.38
C LEU A 91 17.78 6.40 -5.03
N LYS A 92 18.63 5.81 -5.86
CA LYS A 92 20.04 5.72 -5.56
C LYS A 92 20.77 5.61 -6.84
N LYS A 93 21.94 6.23 -6.92
CA LYS A 93 22.71 6.05 -8.13
C LYS A 93 24.21 6.11 -7.84
N THR A 94 24.94 5.27 -8.57
CA THR A 94 26.40 5.26 -8.65
C THR A 94 26.71 5.21 -10.13
N ASP A 95 27.99 5.19 -10.50
CA ASP A 95 28.28 5.20 -11.93
C ASP A 95 27.79 3.93 -12.63
N ASP A 96 27.69 2.82 -11.90
CA ASP A 96 27.33 1.56 -12.57
C ASP A 96 26.09 0.84 -12.04
N ILE A 97 25.35 1.47 -11.14
CA ILE A 97 24.14 0.91 -10.54
C ILE A 97 23.15 2.05 -10.31
N ILE A 98 21.90 1.86 -10.70
CA ILE A 98 20.78 2.75 -10.38
C ILE A 98 19.68 1.97 -9.75
N PHE A 99 19.20 2.42 -8.61
CA PHE A 99 17.93 1.94 -8.04
C PHE A 99 16.77 2.86 -8.42
N PHE A 100 15.80 2.38 -9.19
CA PHE A 100 14.60 3.11 -9.55
C PHE A 100 13.45 2.66 -8.67
N HIS A 101 12.58 3.59 -8.32
CA HIS A 101 11.31 3.31 -7.72
C HIS A 101 10.26 3.62 -8.77
N ASN A 102 9.34 2.68 -8.99
CA ASN A 102 8.22 2.86 -9.91
C ASN A 102 6.90 2.51 -9.22
N VAL A 103 5.87 3.33 -9.46
CA VAL A 103 4.51 3.03 -9.11
C VAL A 103 3.81 2.80 -10.46
N ASN A 104 3.30 1.61 -10.61
CA ASN A 104 2.44 1.22 -11.78
C ASN A 104 1.03 1.12 -11.37
N VAL A 105 0.15 1.80 -12.13
CA VAL A 105 -1.29 1.65 -11.96
C VAL A 105 -1.85 1.01 -13.17
N ASP A 106 -2.23 -0.25 -13.03
CA ASP A 106 -2.57 -1.02 -14.20
C ASP A 106 -3.92 -0.67 -14.73
N GLU A 107 -4.25 -1.21 -15.89
CA GLU A 107 -5.53 -0.84 -16.53
C GLU A 107 -6.71 -1.10 -15.65
N SER A 108 -6.56 -2.03 -14.73
CA SER A 108 -7.69 -2.40 -13.85
C SER A 108 -7.71 -1.58 -12.63
N GLY A 109 -6.72 -0.70 -12.48
CA GLY A 109 -6.65 0.17 -11.32
C GLY A 109 -5.76 -0.34 -10.17
N LYS A 110 -5.17 -1.50 -10.32
CA LYS A 110 -4.36 -2.10 -9.29
C LYS A 110 -3.03 -1.34 -9.24
N GLU A 111 -2.64 -0.95 -8.06
CA GLU A 111 -1.37 -0.26 -7.86
C GLU A 111 -0.30 -1.17 -7.37
N THR A 112 0.88 -1.12 -8.02
CA THR A 112 2.03 -1.91 -7.68
C THR A 112 3.21 -0.96 -7.47
N ASN A 113 3.85 -1.12 -6.34
CA ASN A 113 5.10 -0.44 -5.98
C ASN A 113 6.29 -1.33 -6.30
N VAL A 114 7.29 -0.78 -6.98
CA VAL A 114 8.40 -1.54 -7.54
C VAL A 114 9.73 -0.84 -7.25
N ILE A 115 10.74 -1.61 -6.90
CA ILE A 115 12.12 -1.16 -6.93
C ILE A 115 12.81 -2.02 -7.96
N LEU A 116 13.41 -1.37 -8.96
CA LEU A 116 14.16 -2.07 -10.00
C LEU A 116 15.61 -1.61 -9.96
N VAL A 117 16.54 -2.57 -9.94
CA VAL A 117 17.95 -2.28 -9.94
C VAL A 117 18.55 -2.47 -11.30
N ALA A 118 19.01 -1.37 -11.91
CA ALA A 118 19.63 -1.40 -13.24
C ALA A 118 21.15 -1.30 -13.07
N GLY A 119 21.86 -1.99 -13.91
CA GLY A 119 23.30 -2.06 -13.79
C GLY A 119 24.09 -2.02 -15.08
N LYS A 120 25.36 -1.64 -14.94
CA LYS A 120 26.37 -1.80 -16.01
C LYS A 120 27.35 -2.86 -15.63
N ARG A 121 26.98 -3.67 -14.65
CA ARG A 121 27.75 -4.82 -14.23
C ARG A 121 26.76 -5.95 -13.82
N GLU A 122 27.25 -7.16 -13.55
CA GLU A 122 26.34 -8.29 -13.38
C GLU A 122 25.88 -8.46 -11.94
N ASP A 123 26.57 -7.88 -10.98
CA ASP A 123 26.23 -8.13 -9.56
C ASP A 123 26.14 -6.88 -8.71
N LEU A 124 25.32 -6.93 -7.66
CA LEU A 124 25.45 -6.06 -6.51
C LEU A 124 26.46 -6.63 -5.53
N ASN A 125 27.12 -5.74 -4.79
CA ASN A 125 27.92 -6.18 -3.66
C ASN A 125 27.01 -6.39 -2.41
N LYS A 126 27.61 -6.88 -1.32
CA LYS A 126 26.81 -7.26 -0.19
C LYS A 126 26.16 -6.02 0.43
N ALA A 127 26.90 -4.93 0.53
CA ALA A 127 26.38 -3.69 1.03
C ALA A 127 25.17 -3.17 0.20
N GLN A 128 25.27 -3.27 -1.12
CA GLN A 128 24.20 -2.82 -1.96
C GLN A 128 22.95 -3.72 -1.82
N LYS A 129 23.13 -5.00 -1.61
CA LYS A 129 22.03 -5.91 -1.37
C LYS A 129 21.30 -5.54 -0.10
N GLN A 130 22.05 -5.17 0.92
CA GLN A 130 21.42 -4.80 2.20
C GLN A 130 20.73 -3.48 2.08
N GLU A 131 21.32 -2.57 1.34
CA GLU A 131 20.65 -1.30 1.01
C GLU A 131 19.32 -1.56 0.29
N LEU A 132 19.31 -2.44 -0.69
CA LEU A 132 18.10 -2.78 -1.42
C LEU A 132 17.06 -3.32 -0.48
N ARG A 133 17.45 -4.21 0.40
CA ARG A 133 16.49 -4.73 1.38
CA ARG A 133 16.50 -4.75 1.38
C ARG A 133 15.92 -3.66 2.30
N LYS A 134 16.75 -2.72 2.74
CA LYS A 134 16.31 -1.67 3.60
C LYS A 134 15.35 -0.73 2.89
N LEU A 135 15.63 -0.45 1.64
CA LEU A 135 14.77 0.40 0.84
C LEU A 135 13.39 -0.21 0.59
N ALA A 136 13.37 -1.52 0.28
CA ALA A 136 12.15 -2.22 0.08
C ALA A 136 11.32 -2.06 1.39
N GLU A 137 11.92 -2.26 2.55
CA GLU A 137 11.18 -2.11 3.84
C GLU A 137 10.59 -0.73 3.96
N GLU A 138 11.42 0.24 3.63
CA GLU A 138 11.01 1.61 3.73
C GLU A 138 9.84 1.91 2.82
N TYR A 139 9.79 1.27 1.66
CA TYR A 139 8.75 1.51 0.65
C TYR A 139 7.61 0.46 0.78
N ASN A 140 7.53 -0.26 1.89
CA ASN A 140 6.44 -1.20 2.11
CA ASN A 140 6.44 -1.18 2.12
C ASN A 140 6.35 -2.28 1.02
N ILE A 141 7.50 -2.78 0.58
CA ILE A 141 7.60 -3.80 -0.43
C ILE A 141 8.24 -5.05 0.19
N PRO A 142 7.57 -6.22 0.15
CA PRO A 142 8.09 -7.42 0.77
C PRO A 142 9.35 -7.91 0.13
N ASN A 143 10.44 -8.10 0.89
CA ASN A 143 11.68 -8.60 0.31
C ASN A 143 11.61 -10.00 -0.20
N GLU A 144 10.61 -10.78 0.27
CA GLU A 144 10.53 -12.15 -0.18
C GLU A 144 10.01 -12.20 -1.60
N ASN A 145 9.54 -11.06 -2.14
CA ASN A 145 9.17 -11.02 -3.55
C ASN A 145 10.28 -10.70 -4.52
N THR A 146 11.49 -10.62 -4.01
CA THR A 146 12.61 -10.20 -4.83
C THR A 146 12.95 -11.17 -5.94
N GLN A 147 13.12 -10.63 -7.16
CA GLN A 147 13.47 -11.44 -8.34
C GLN A 147 14.86 -11.04 -8.81
N HIS A 148 15.75 -12.02 -8.93
CA HIS A 148 17.06 -11.88 -9.50
C HIS A 148 16.94 -12.25 -10.95
N LEU A 149 17.16 -11.30 -11.82
CA LEU A 149 16.97 -11.49 -13.26
C LEU A 149 18.20 -11.97 -14.00
N VAL A 150 19.40 -11.85 -13.44
CA VAL A 150 20.60 -12.17 -14.18
C VAL A 150 20.61 -13.55 -14.83
N PRO A 151 20.19 -14.58 -14.09
CA PRO A 151 20.31 -15.92 -14.69
C PRO A 151 19.42 -16.22 -15.87
N THR A 152 18.38 -15.44 -16.04
CA THR A 152 17.48 -15.57 -17.20
C THR A 152 17.58 -14.42 -18.20
N ASP A 153 18.61 -13.57 -18.06
CA ASP A 153 18.77 -12.45 -18.98
C ASP A 153 19.55 -12.92 -20.17
N THR A 154 18.80 -13.25 -21.20
CA THR A 154 19.39 -13.72 -22.42
C THR A 154 19.17 -12.85 -23.62
N CYS A 155 18.51 -11.70 -23.49
CA CYS A 155 18.16 -10.89 -24.65
C CYS A 155 19.16 -9.79 -25.06
N ASN A 156 20.27 -9.67 -24.34
CA ASN A 156 21.22 -8.60 -24.63
C ASN A 156 22.47 -9.11 -25.27
N GLN A 157 22.69 -10.41 -25.21
CA GLN A 157 23.97 -10.97 -25.56
C GLN A 157 24.19 -11.11 -27.08
N HIS B 1 2.77 4.99 23.23
CA HIS B 1 1.68 5.72 23.93
C HIS B 1 0.44 6.11 23.08
N HIS B 2 -0.55 5.23 23.06
CA HIS B 2 -1.73 5.45 22.27
C HIS B 2 -2.75 6.04 23.19
N GLU B 3 -3.52 6.98 22.70
CA GLU B 3 -4.49 7.68 23.51
C GLU B 3 -5.89 7.18 23.27
N ASN B 4 -6.75 7.49 24.24
CA ASN B 4 -8.18 7.24 24.10
C ASN B 4 -8.82 8.59 23.96
N LEU B 5 -8.97 9.06 22.74
CA LEU B 5 -9.36 10.44 22.61
C LEU B 5 -10.81 10.74 22.86
N ASP B 6 -11.06 11.95 23.33
CA ASP B 6 -12.43 12.43 23.50
C ASP B 6 -12.97 12.79 22.13
N ILE B 7 -14.24 12.53 21.94
CA ILE B 7 -14.94 13.01 20.75
C ILE B 7 -16.27 13.71 21.16
N SER B 8 -16.79 14.59 20.30
CA SER B 8 -18.03 15.33 20.54
C SER B 8 -19.05 14.98 19.51
N PRO B 9 -20.35 15.16 19.84
CA PRO B 9 -21.36 14.98 18.83
C PRO B 9 -21.09 15.81 17.60
N SER B 10 -20.67 17.08 17.71
CA SER B 10 -20.49 17.87 16.49
C SER B 10 -19.47 17.24 15.54
N GLU B 11 -18.43 16.61 16.06
CA GLU B 11 -17.37 15.95 15.28
C GLU B 11 -17.85 14.67 14.66
N VAL B 12 -18.69 13.92 15.37
CA VAL B 12 -19.05 12.55 15.03
C VAL B 12 -20.36 12.41 14.28
N ASN B 13 -21.42 13.09 14.67
CA ASN B 13 -22.74 12.72 14.22
C ASN B 13 -22.87 12.88 12.73
N GLY B 14 -23.25 11.81 12.03
CA GLY B 14 -23.36 11.84 10.57
C GLY B 14 -23.02 10.50 9.96
N ASP B 15 -22.97 10.49 8.66
CA ASP B 15 -22.63 9.29 7.93
C ASP B 15 -21.12 9.15 7.77
N TRP B 16 -20.69 7.91 7.83
CA TRP B 16 -19.23 7.53 7.71
C TRP B 16 -19.16 6.26 6.96
N ARG B 17 -18.07 6.05 6.25
CA ARG B 17 -17.77 4.79 5.63
C ARG B 17 -16.46 4.22 6.17
N THR B 18 -16.30 2.91 6.07
CA THR B 18 -15.07 2.22 6.40
C THR B 18 -14.12 2.21 5.21
N LEU B 19 -12.93 2.77 5.43
CA LEU B 19 -11.91 2.86 4.36
C LEU B 19 -10.94 1.68 4.40
N TYR B 20 -10.42 1.40 5.59
CA TYR B 20 -9.42 0.35 5.81
C TYR B 20 -9.72 -0.36 7.12
N ILE B 21 -9.42 -1.66 7.17
CA ILE B 21 -9.37 -2.39 8.42
C ILE B 21 -8.10 -3.21 8.44
N VAL B 22 -7.33 -3.19 9.52
CA VAL B 22 -6.16 -4.09 9.61
C VAL B 22 -6.28 -4.83 10.93
N ALA B 23 -5.96 -6.13 10.94
CA ALA B 23 -6.05 -6.84 12.24
C ALA B 23 -4.98 -7.93 12.27
N ASP B 24 -4.70 -8.42 13.47
CA ASP B 24 -3.65 -9.40 13.67
C ASP B 24 -4.17 -10.84 13.36
N ASN B 25 -5.49 -11.01 13.35
CA ASN B 25 -6.14 -12.27 12.97
C ASN B 25 -6.92 -11.94 11.72
N VAL B 26 -6.27 -12.14 10.57
CA VAL B 26 -6.78 -11.69 9.32
C VAL B 26 -8.14 -12.29 8.94
N GLU B 27 -8.40 -13.52 9.39
CA GLU B 27 -9.70 -14.12 8.99
C GLU B 27 -10.89 -13.31 9.53
N LYS B 28 -10.67 -12.57 10.62
CA LYS B 28 -11.77 -11.77 11.20
C LYS B 28 -12.16 -10.57 10.32
N VAL B 29 -11.27 -10.10 9.48
CA VAL B 29 -11.51 -8.89 8.72
C VAL B 29 -11.44 -9.07 7.19
N ALA B 30 -11.00 -10.26 6.74
CA ALA B 30 -11.10 -10.63 5.33
C ALA B 30 -12.54 -10.91 5.00
N GLU B 31 -12.85 -11.00 3.70
CA GLU B 31 -14.20 -11.37 3.27
C GLU B 31 -14.80 -12.50 4.09
N GLY B 32 -16.04 -12.32 4.51
CA GLY B 32 -16.71 -13.29 5.33
C GLY B 32 -16.42 -13.19 6.81
N GLY B 33 -15.42 -12.39 7.18
CA GLY B 33 -15.07 -12.26 8.59
C GLY B 33 -16.08 -11.43 9.39
N SER B 34 -16.29 -11.76 10.65
CA SER B 34 -17.31 -11.05 11.42
C SER B 34 -16.94 -9.59 11.77
N LEU B 35 -15.67 -9.25 11.72
CA LEU B 35 -15.25 -7.88 12.01
C LEU B 35 -15.04 -6.99 10.78
N ARG B 36 -15.45 -7.45 9.60
CA ARG B 36 -15.31 -6.68 8.36
C ARG B 36 -16.51 -5.80 8.23
N ALA B 37 -16.49 -4.75 9.06
CA ALA B 37 -17.63 -3.86 9.26
C ALA B 37 -17.53 -2.67 8.31
N TYR B 38 -18.56 -2.52 7.48
CA TYR B 38 -18.75 -1.38 6.58
C TYR B 38 -19.63 -0.35 7.29
N PHE B 39 -19.03 0.69 7.89
CA PHE B 39 -19.78 1.66 8.62
C PHE B 39 -20.73 2.39 7.71
N GLN B 40 -21.87 2.78 8.28
CA GLN B 40 -22.85 3.63 7.63
C GLN B 40 -23.03 4.94 8.33
N HIS B 41 -23.07 4.91 9.67
CA HIS B 41 -23.41 6.10 10.41
C HIS B 41 -22.91 6.00 11.84
N MET B 42 -22.61 7.14 12.46
CA MET B 42 -22.25 7.21 13.91
C MET B 42 -23.04 8.35 14.53
N GLU B 43 -23.42 8.18 15.79
CA GLU B 43 -24.17 9.20 16.54
C GLU B 43 -23.77 9.10 17.99
N CYS B 44 -23.34 10.22 18.54
CA CYS B 44 -23.11 10.27 19.98
C CYS B 44 -24.30 10.73 20.73
N GLY B 45 -24.40 10.21 21.97
CA GLY B 45 -25.14 10.89 23.01
C GLY B 45 -24.33 12.00 23.65
N ASP B 46 -24.83 12.50 24.77
CA ASP B 46 -24.22 13.64 25.50
C ASP B 46 -22.73 13.33 25.76
N GLU B 47 -21.86 14.21 25.29
CA GLU B 47 -20.41 14.12 25.48
C GLU B 47 -19.84 12.83 24.93
N CYS B 48 -20.54 12.23 23.97
CA CYS B 48 -20.14 10.93 23.46
C CYS B 48 -19.96 9.91 24.53
N GLN B 49 -20.75 10.01 25.60
CA GLN B 49 -20.77 8.94 26.58
C GLN B 49 -21.30 7.61 26.05
N GLU B 50 -22.15 7.68 25.01
CA GLU B 50 -22.59 6.59 24.18
C GLU B 50 -22.22 6.96 22.79
N LEU B 51 -21.70 5.99 22.05
CA LEU B 51 -21.40 6.12 20.62
C LEU B 51 -22.15 4.99 19.90
N LYS B 52 -23.12 5.40 19.12
CA LYS B 52 -23.99 4.49 18.34
C LYS B 52 -23.49 4.35 16.96
N ILE B 53 -23.18 3.12 16.54
CA ILE B 53 -22.64 2.86 15.18
C ILE B 53 -23.56 1.92 14.44
N ILE B 54 -23.94 2.30 13.22
CA ILE B 54 -24.65 1.41 12.32
C ILE B 54 -23.66 0.94 11.28
N PHE B 55 -23.57 -0.36 11.05
CA PHE B 55 -22.66 -0.92 10.07
C PHE B 55 -23.26 -2.11 9.39
N ASN B 56 -22.73 -2.48 8.23
CA ASN B 56 -23.09 -3.72 7.56
C ASN B 56 -21.96 -4.72 7.59
N VAL B 57 -22.31 -6.01 7.53
CA VAL B 57 -21.28 -7.03 7.44
C VAL B 57 -21.82 -8.12 6.54
N LYS B 58 -20.96 -8.72 5.73
CA LYS B 58 -21.40 -9.84 4.90
C LYS B 58 -21.16 -11.11 5.70
N LEU B 59 -22.22 -11.80 6.06
CA LEU B 59 -22.08 -13.06 6.78
C LEU B 59 -22.88 -14.13 6.08
N ASP B 60 -22.21 -15.26 5.82
CA ASP B 60 -22.73 -16.38 5.01
C ASP B 60 -23.36 -15.90 3.71
N SER B 61 -22.68 -14.92 3.11
CA SER B 61 -22.92 -14.43 1.75
C SER B 61 -23.98 -13.35 1.62
N GLU B 62 -24.62 -12.93 2.71
CA GLU B 62 -25.54 -11.77 2.64
C GLU B 62 -25.19 -10.57 3.53
N CYS B 63 -25.59 -9.36 3.12
CA CYS B 63 -25.30 -8.14 3.87
C CYS B 63 -26.31 -8.02 5.00
N GLN B 64 -25.79 -7.91 6.21
CA GLN B 64 -26.57 -7.80 7.38
C GLN B 64 -26.27 -6.50 8.08
N THR B 65 -27.28 -5.75 8.47
CA THR B 65 -27.07 -4.49 9.17
C THR B 65 -27.16 -4.74 10.67
N HIS B 66 -26.27 -4.10 11.37
CA HIS B 66 -26.21 -4.11 12.81
C HIS B 66 -26.10 -2.72 13.38
N THR B 67 -26.64 -2.57 14.59
CA THR B 67 -26.44 -1.41 15.37
C THR B 67 -25.80 -1.82 16.69
N VAL B 68 -24.75 -1.14 17.03
CA VAL B 68 -24.13 -1.28 18.35
C VAL B 68 -24.00 0.05 19.03
N VAL B 69 -24.00 0.03 20.36
CA VAL B 69 -23.71 1.20 21.13
C VAL B 69 -22.51 0.91 22.00
N GLY B 70 -21.52 1.78 21.88
CA GLY B 70 -20.41 1.78 22.80
C GLY B 70 -20.65 2.67 23.98
N GLN B 71 -20.38 2.17 25.18
CA GLN B 71 -20.44 2.95 26.43
C GLN B 71 -19.03 3.36 26.78
N LYS B 72 -18.84 4.67 27.03
CA LYS B 72 -17.55 5.24 27.43
C LYS B 72 -17.27 4.96 28.90
N HIS B 73 -16.05 4.53 29.20
CA HIS B 73 -15.56 4.32 30.52
C HIS B 73 -14.72 5.52 30.97
N GLU B 74 -14.37 5.51 32.29
CA GLU B 74 -13.60 6.59 32.85
C GLU B 74 -12.27 6.86 32.13
N ASP B 75 -11.64 5.83 31.62
CA ASP B 75 -10.39 6.01 30.86
C ASP B 75 -10.52 6.42 29.40
N GLY B 76 -11.74 6.58 28.90
CA GLY B 76 -11.89 7.02 27.53
C GLY B 76 -12.15 5.92 26.54
N ARG B 77 -12.05 4.68 26.98
CA ARG B 77 -12.38 3.55 26.11
C ARG B 77 -13.85 3.26 26.13
N TYR B 78 -14.30 2.61 25.07
CA TYR B 78 -15.66 2.18 24.90
C TYR B 78 -15.79 0.69 24.92
N THR B 79 -16.90 0.18 25.42
CA THR B 79 -17.25 -1.24 25.33
C THR B 79 -18.52 -1.44 24.54
N THR B 80 -18.54 -2.50 23.78
CA THR B 80 -19.79 -2.96 23.15
C THR B 80 -19.74 -4.45 22.95
N ASP B 81 -20.91 -5.10 23.00
CA ASP B 81 -21.11 -6.49 22.62
C ASP B 81 -21.41 -6.64 21.14
N TYR B 82 -20.57 -7.40 20.45
CA TYR B 82 -20.70 -7.75 19.05
C TYR B 82 -19.64 -8.76 18.71
N SER B 83 -20.05 -9.96 18.32
CA SER B 83 -19.09 -11.02 17.97
C SER B 83 -18.11 -11.18 19.13
N GLY B 84 -18.67 -11.27 20.33
CA GLY B 84 -17.90 -11.17 21.57
C GLY B 84 -17.89 -9.81 22.20
N ARG B 85 -16.85 -9.52 22.95
CA ARG B 85 -16.76 -8.28 23.70
C ARG B 85 -15.70 -7.39 23.01
N ASN B 86 -15.98 -6.09 22.87
CA ASN B 86 -15.11 -5.14 22.20
C ASN B 86 -14.74 -4.05 23.14
N TYR B 87 -13.45 -3.70 23.15
CA TYR B 87 -12.88 -2.60 23.91
C TYR B 87 -12.13 -1.73 22.92
N PHE B 88 -12.72 -0.58 22.64
CA PHE B 88 -12.24 0.26 21.54
C PHE B 88 -12.09 1.68 21.96
N HIS B 89 -11.31 2.41 21.17
CA HIS B 89 -11.11 3.83 21.46
C HIS B 89 -10.76 4.59 20.19
N VAL B 90 -10.95 5.87 20.24
CA VAL B 90 -10.49 6.75 19.20
C VAL B 90 -9.02 6.96 19.32
N LEU B 91 -8.29 6.52 18.33
CA LEU B 91 -6.86 6.54 18.34
C LEU B 91 -6.32 7.80 17.72
N LYS B 92 -6.96 8.27 16.63
CA LYS B 92 -6.67 9.54 15.98
C LYS B 92 -7.91 10.09 15.39
N LYS B 93 -8.03 11.41 15.33
CA LYS B 93 -9.17 12.01 14.69
C LYS B 93 -8.77 13.29 13.98
N THR B 94 -9.47 13.55 12.90
CA THR B 94 -9.49 14.86 12.21
C THR B 94 -10.91 15.09 11.76
N ASP B 95 -11.21 16.24 11.13
CA ASP B 95 -12.60 16.48 10.72
C ASP B 95 -13.32 15.39 9.88
N ASP B 96 -12.54 14.74 9.04
CA ASP B 96 -13.06 13.86 8.04
C ASP B 96 -12.62 12.41 8.19
N ILE B 97 -11.82 12.08 9.23
CA ILE B 97 -11.23 10.76 9.40
C ILE B 97 -11.15 10.42 10.88
N ILE B 98 -11.54 9.21 11.23
CA ILE B 98 -11.35 8.74 12.62
C ILE B 98 -10.65 7.36 12.53
N PHE B 99 -9.53 7.18 13.22
CA PHE B 99 -8.93 5.87 13.38
C PHE B 99 -9.41 5.31 14.72
N PHE B 100 -10.04 4.14 14.70
CA PHE B 100 -10.35 3.40 15.94
C PHE B 100 -9.38 2.24 16.14
N HIS B 101 -9.03 1.97 17.39
CA HIS B 101 -8.36 0.69 17.74
C HIS B 101 -9.33 -0.09 18.60
N ASN B 102 -9.46 -1.38 18.27
CA ASN B 102 -10.35 -2.27 19.02
C ASN B 102 -9.61 -3.51 19.42
N VAL B 103 -9.91 -3.96 20.64
CA VAL B 103 -9.65 -5.28 21.06
C VAL B 103 -10.96 -6.06 21.09
N ASN B 104 -11.10 -7.03 20.19
CA ASN B 104 -12.23 -7.98 20.21
C ASN B 104 -11.82 -9.21 20.89
N VAL B 105 -12.61 -9.60 21.90
CA VAL B 105 -12.43 -10.89 22.59
C VAL B 105 -13.65 -11.73 22.18
N ASP B 106 -13.40 -12.71 21.34
CA ASP B 106 -14.53 -13.49 20.77
C ASP B 106 -15.08 -14.44 21.79
N GLU B 107 -16.14 -15.17 21.48
CA GLU B 107 -16.73 -16.04 22.50
C GLU B 107 -15.86 -17.22 22.91
N SER B 108 -14.79 -17.50 22.16
CA SER B 108 -13.87 -18.56 22.47
C SER B 108 -12.69 -18.06 23.33
N GLY B 109 -12.59 -16.76 23.52
CA GLY B 109 -11.51 -16.16 24.26
C GLY B 109 -10.39 -15.62 23.39
N LYS B 110 -10.52 -15.72 22.07
CA LYS B 110 -9.45 -15.29 21.21
C LYS B 110 -9.42 -13.76 21.16
N GLU B 111 -8.25 -13.18 21.35
CA GLU B 111 -8.09 -11.76 21.33
C GLU B 111 -7.65 -11.31 19.92
N THR B 112 -8.40 -10.38 19.31
CA THR B 112 -7.99 -9.80 18.01
C THR B 112 -7.83 -8.31 18.14
N ASN B 113 -6.67 -7.80 17.77
CA ASN B 113 -6.42 -6.38 17.69
C ASN B 113 -6.62 -5.85 16.31
N VAL B 114 -7.42 -4.80 16.22
CA VAL B 114 -7.91 -4.21 14.98
C VAL B 114 -7.72 -2.68 14.97
N ILE B 115 -7.28 -2.13 13.86
CA ILE B 115 -7.42 -0.71 13.54
C ILE B 115 -8.40 -0.59 12.39
N LEU B 116 -9.40 0.26 12.56
CA LEU B 116 -10.45 0.50 11.54
C LEU B 116 -10.46 2.00 11.30
N VAL B 117 -10.38 2.42 10.02
CA VAL B 117 -10.40 3.77 9.63
C VAL B 117 -11.75 4.12 9.02
N ALA B 118 -12.41 5.06 9.64
CA ALA B 118 -13.69 5.59 9.14
C ALA B 118 -13.47 6.93 8.51
N GLY B 119 -14.16 7.17 7.41
CA GLY B 119 -14.00 8.43 6.73
C GLY B 119 -15.21 8.99 6.04
N LYS B 120 -15.06 10.18 5.51
CA LYS B 120 -16.04 10.92 4.70
C LYS B 120 -15.70 10.76 3.20
N ARG B 121 -14.42 10.86 2.88
N ARG B 121 -14.40 10.83 2.90
CA ARG B 121 -13.95 10.71 1.49
CA ARG B 121 -13.92 10.67 1.52
C ARG B 121 -13.71 9.22 1.23
C ARG B 121 -13.71 9.20 1.24
N GLU B 122 -13.46 8.87 -0.01
CA GLU B 122 -13.38 7.45 -0.40
C GLU B 122 -12.03 6.80 -0.14
N ASP B 123 -10.99 7.59 0.17
CA ASP B 123 -9.65 7.05 0.46
C ASP B 123 -8.85 8.01 1.38
N LEU B 124 -7.70 7.53 1.87
CA LEU B 124 -6.73 8.26 2.66
C LEU B 124 -5.66 8.87 1.73
N ASN B 125 -4.98 9.93 2.20
CA ASN B 125 -3.90 10.57 1.49
C ASN B 125 -2.65 9.80 1.85
N LYS B 126 -1.56 10.18 1.21
CA LYS B 126 -0.31 9.47 1.38
C LYS B 126 0.08 9.47 2.84
N ALA B 127 0.05 10.64 3.49
CA ALA B 127 0.43 10.78 4.88
C ALA B 127 -0.37 9.84 5.78
N GLN B 128 -1.67 9.78 5.52
CA GLN B 128 -2.60 9.04 6.39
C GLN B 128 -2.43 7.53 6.28
N LYS B 129 -2.06 7.07 5.08
CA LYS B 129 -1.81 5.63 4.85
C LYS B 129 -0.56 5.20 5.58
N GLN B 130 0.44 6.08 5.57
CA GLN B 130 1.65 5.79 6.30
C GLN B 130 1.45 5.83 7.85
N GLU B 131 0.57 6.71 8.32
CA GLU B 131 0.28 6.86 9.75
C GLU B 131 -0.40 5.58 10.15
N LEU B 132 -1.34 5.10 9.35
CA LEU B 132 -2.01 3.81 9.63
C LEU B 132 -1.01 2.67 9.75
N ARG B 133 -0.07 2.60 8.81
CA ARG B 133 0.97 1.56 8.85
C ARG B 133 1.79 1.64 10.11
N LYS B 134 2.14 2.83 10.54
CA LYS B 134 3.02 2.95 11.72
C LYS B 134 2.28 2.57 12.99
N LEU B 135 1.06 3.03 13.08
CA LEU B 135 0.22 2.64 14.19
C LEU B 135 0.03 1.13 14.26
N ALA B 136 -0.21 0.49 13.13
CA ALA B 136 -0.36 -0.95 13.14
C ALA B 136 0.94 -1.59 13.62
N GLU B 137 2.08 -1.07 13.20
CA GLU B 137 3.35 -1.64 13.69
C GLU B 137 3.43 -1.54 15.19
N GLU B 138 3.01 -0.39 15.74
CA GLU B 138 3.11 -0.18 17.16
C GLU B 138 2.24 -1.13 17.92
N TYR B 139 1.16 -1.64 17.29
CA TYR B 139 0.24 -2.55 17.93
C TYR B 139 0.53 -4.02 17.59
N ASN B 140 1.63 -4.25 16.90
CA ASN B 140 2.02 -5.58 16.47
C ASN B 140 0.94 -6.23 15.62
N ILE B 141 0.37 -5.39 14.77
CA ILE B 141 -0.55 -5.80 13.74
C ILE B 141 0.11 -5.82 12.36
N PRO B 142 0.20 -6.98 11.71
CA PRO B 142 0.92 -7.01 10.42
C PRO B 142 0.23 -6.21 9.33
N ASN B 143 0.96 -5.36 8.66
CA ASN B 143 0.37 -4.51 7.65
C ASN B 143 -0.03 -5.29 6.44
N GLU B 144 0.53 -6.48 6.28
CA GLU B 144 0.09 -7.27 5.17
C GLU B 144 -1.35 -7.79 5.33
N ASN B 145 -1.94 -7.63 6.51
CA ASN B 145 -3.32 -8.06 6.70
C ASN B 145 -4.30 -6.93 6.40
N THR B 146 -3.83 -5.86 5.77
CA THR B 146 -4.68 -4.66 5.56
C THR B 146 -5.76 -4.94 4.52
N GLN B 147 -6.99 -4.56 4.85
CA GLN B 147 -8.14 -4.63 3.95
C GLN B 147 -8.54 -3.24 3.49
N HIS B 148 -8.54 -3.03 2.19
CA HIS B 148 -8.99 -1.80 1.60
C HIS B 148 -10.41 -2.02 1.17
N LEU B 149 -11.32 -1.31 1.80
CA LEU B 149 -12.73 -1.39 1.46
C LEU B 149 -13.05 -0.24 0.48
N VAL B 150 -13.85 -0.53 -0.54
CA VAL B 150 -14.11 0.43 -1.60
C VAL B 150 -15.61 0.66 -1.82
N PRO B 151 -15.97 1.84 -2.33
CA PRO B 151 -17.39 2.23 -2.30
C PRO B 151 -18.35 1.27 -3.00
N THR B 152 -17.88 0.59 -4.01
CA THR B 152 -18.75 -0.29 -4.78
C THR B 152 -18.79 -1.73 -4.22
N ASP B 153 -18.11 -2.00 -3.10
CA ASP B 153 -18.24 -3.33 -2.47
C ASP B 153 -19.68 -3.53 -2.12
N THR B 154 -20.13 -4.76 -2.31
CA THR B 154 -21.51 -5.09 -2.04
C THR B 154 -22.13 -4.61 -0.73
N CYS B 155 -21.47 -4.85 0.40
CA CYS B 155 -22.09 -4.44 1.69
C CYS B 155 -21.83 -2.98 2.02
N ASN B 156 -21.30 -2.23 1.07
CA ASN B 156 -21.00 -0.81 1.34
C ASN B 156 -22.14 0.12 0.95
N GLN B 157 -22.99 0.48 1.90
CA GLN B 157 -24.05 1.45 1.62
C GLN B 157 -23.43 2.57 0.76
#